data_4ZQB
#
_entry.id   4ZQB
#
_cell.length_a   71.489
_cell.length_b   71.489
_cell.length_c   244.364
_cell.angle_alpha   90.000
_cell.angle_beta   90.000
_cell.angle_gamma   120.000
#
_symmetry.space_group_name_H-M   'P 61'
#
loop_
_entity.id
_entity.type
_entity.pdbx_description
1 polymer 'NADP-dependent dehydrogenase'
2 non-polymer 'NADP NICOTINAMIDE-ADENINE-DINUCLEOTIDE PHOSPHATE'
3 non-polymer 'SULFATE ION'
4 non-polymer 'TRIETHYLENE GLYCOL'
5 non-polymer GLYCEROL
6 non-polymer DI(HYDROXYETHYL)ETHER
7 water water
#
_entity_poly.entity_id   1
_entity_poly.type   'polypeptide(L)'
_entity_poly.pdbx_seq_one_letter_code
;FQSMSRIALVTRLSPEAEAHWAGHLARALPGERIDGFRELSPAERAEVDIAIVANPDPADLAELPNLVWIHSLWAGVERL
VAELGHLARPIVRLVDPELARTMAEAALAWTYYLFRDMPAYAAQQRARVWKGLPYKRPERTTVGVLGLGELGAAAALRLR
DAGFDVHGWSRSPKEIAGVTCHAGEETLERMLGQVEILVCLLPLTGETRGLLDARRLACLPEGAQIVNFARGPILDSAAL
IEALDSGRIGHAVLDVFEVEPLPEASPFWGHPKVTVLPHISAATDPETASAIVGAHVADYRATGRIPPSVDLTRGY
;
_entity_poly.pdbx_strand_id   A,B
#
# COMPACT_ATOMS: atom_id res chain seq x y z
N MET A 4 -14.62 -32.78 20.91
CA MET A 4 -13.35 -32.54 20.13
C MET A 4 -13.44 -31.25 19.34
N SER A 5 -13.40 -30.13 20.06
CA SER A 5 -13.28 -28.83 19.47
C SER A 5 -11.86 -28.69 19.00
N ARG A 6 -11.64 -27.81 18.03
CA ARG A 6 -10.29 -27.50 17.61
C ARG A 6 -10.11 -26.01 17.34
N ILE A 7 -8.86 -25.63 17.11
CA ILE A 7 -8.50 -24.23 16.95
C ILE A 7 -7.86 -24.05 15.58
N ALA A 8 -8.31 -23.01 14.86
CA ALA A 8 -7.73 -22.65 13.56
C ALA A 8 -6.80 -21.47 13.75
N LEU A 9 -5.59 -21.61 13.20
CA LEU A 9 -4.62 -20.52 13.14
C LEU A 9 -4.77 -19.87 11.79
N VAL A 10 -5.24 -18.62 11.79
CA VAL A 10 -5.67 -17.97 10.55
C VAL A 10 -4.84 -16.71 10.33
N THR A 11 -3.87 -16.80 9.44
CA THR A 11 -2.96 -15.68 9.18
C THR A 11 -2.55 -15.54 7.74
N ARG A 12 -2.00 -14.37 7.43
CA ARG A 12 -1.36 -14.15 6.14
C ARG A 12 0.04 -13.66 6.40
N LEU A 13 0.67 -14.32 7.37
CA LEU A 13 2.08 -14.21 7.60
C LEU A 13 2.76 -15.15 6.61
N SER A 14 4.09 -15.04 6.54
CA SER A 14 4.92 -15.96 5.76
C SER A 14 4.80 -17.38 6.36
N PRO A 15 5.02 -18.42 5.54
CA PRO A 15 5.03 -19.81 6.05
C PRO A 15 5.98 -20.06 7.22
N GLU A 16 7.17 -19.45 7.17
CA GLU A 16 8.19 -19.53 8.24
C GLU A 16 7.72 -18.84 9.53
N ALA A 17 7.17 -17.62 9.41
CA ALA A 17 6.63 -16.89 10.56
C ALA A 17 5.42 -17.63 11.16
N GLU A 18 4.52 -18.13 10.31
CA GLU A 18 3.32 -18.85 10.82
C GLU A 18 3.70 -20.16 11.51
N ALA A 19 4.70 -20.86 10.98
CA ALA A 19 5.24 -22.06 11.60
C ALA A 19 5.89 -21.75 12.95
N HIS A 20 6.65 -20.66 13.01
CA HIS A 20 7.23 -20.19 14.28
C HIS A 20 6.10 -19.98 15.30
N TRP A 21 5.06 -19.27 14.89
CA TRP A 21 3.93 -19.02 15.75
C TRP A 21 3.24 -20.31 16.18
N ALA A 22 3.03 -21.23 15.23
CA ALA A 22 2.42 -22.53 15.51
C ALA A 22 3.18 -23.32 16.58
N GLY A 23 4.50 -23.33 16.48
CA GLY A 23 5.34 -24.00 17.49
C GLY A 23 5.11 -23.38 18.86
N HIS A 24 5.15 -22.04 18.95
CA HIS A 24 4.98 -21.36 20.21
C HIS A 24 3.61 -21.61 20.81
N LEU A 25 2.59 -21.54 19.98
CA LEU A 25 1.20 -21.83 20.42
C LEU A 25 1.03 -23.28 20.83
N ALA A 26 1.59 -24.22 20.08
CA ALA A 26 1.49 -25.64 20.43
C ALA A 26 2.11 -25.94 21.81
N ARG A 27 3.21 -25.27 22.13
CA ARG A 27 3.89 -25.41 23.41
C ARG A 27 3.06 -24.81 24.54
N ALA A 28 2.45 -23.66 24.27
CA ALA A 28 1.66 -22.97 25.29
C ALA A 28 0.33 -23.64 25.49
N LEU A 29 -0.17 -24.37 24.46
CA LEU A 29 -1.49 -25.00 24.49
C LEU A 29 -1.41 -26.50 24.14
N PRO A 30 -0.72 -27.30 24.95
CA PRO A 30 -0.33 -28.66 24.57
C PRO A 30 -1.48 -29.63 24.39
N GLY A 31 -2.59 -29.39 25.09
CA GLY A 31 -3.78 -30.23 24.94
C GLY A 31 -4.71 -29.87 23.79
N GLU A 32 -4.38 -28.84 23.02
CA GLU A 32 -5.29 -28.35 21.97
C GLU A 32 -4.86 -28.84 20.59
N ARG A 33 -5.83 -29.01 19.70
CA ARG A 33 -5.54 -29.31 18.30
C ARG A 33 -5.57 -27.98 17.58
N ILE A 34 -4.39 -27.50 17.20
CA ILE A 34 -4.26 -26.25 16.46
C ILE A 34 -3.68 -26.54 15.09
N ASP A 35 -4.32 -26.03 14.04
CA ASP A 35 -3.82 -26.17 12.67
C ASP A 35 -4.04 -24.89 11.88
N GLY A 36 -3.17 -24.65 10.92
CA GLY A 36 -3.42 -23.66 9.89
C GLY A 36 -4.77 -23.88 9.22
N PHE A 37 -5.48 -22.80 8.95
CA PHE A 37 -6.74 -22.85 8.24
C PHE A 37 -6.64 -23.64 6.93
N ARG A 38 -5.59 -23.42 6.16
CA ARG A 38 -5.43 -24.10 4.88
C ARG A 38 -5.25 -25.61 5.02
N GLU A 39 -4.85 -26.11 6.20
CA GLU A 39 -4.70 -27.56 6.41
C GLU A 39 -6.00 -28.27 6.79
N LEU A 40 -7.07 -27.55 7.11
CA LEU A 40 -8.29 -28.17 7.57
C LEU A 40 -9.21 -28.50 6.39
N SER A 41 -9.79 -29.69 6.42
CA SER A 41 -10.82 -30.03 5.45
C SER A 41 -12.08 -29.26 5.82
N PRO A 42 -13.05 -29.18 4.90
CA PRO A 42 -14.38 -28.67 5.27
C PRO A 42 -15.01 -29.26 6.55
N ALA A 43 -14.93 -30.57 6.75
CA ALA A 43 -15.48 -31.20 7.96
C ALA A 43 -14.72 -30.77 9.23
N GLU A 44 -13.39 -30.71 9.14
CA GLU A 44 -12.56 -30.23 10.25
C GLU A 44 -12.82 -28.75 10.58
N ARG A 45 -13.11 -27.95 9.56
CA ARG A 45 -13.51 -26.56 9.73
C ARG A 45 -14.76 -26.40 10.60
N ALA A 46 -15.69 -27.33 10.47
CA ALA A 46 -16.91 -27.31 11.25
C ALA A 46 -16.64 -27.59 12.73
N GLU A 47 -15.49 -28.17 13.07
CA GLU A 47 -15.12 -28.45 14.47
C GLU A 47 -14.44 -27.29 15.19
N VAL A 48 -14.13 -26.21 14.47
CA VAL A 48 -13.41 -25.09 15.05
C VAL A 48 -14.35 -24.21 15.87
N ASP A 49 -14.02 -24.01 17.15
CA ASP A 49 -14.73 -23.02 17.98
C ASP A 49 -13.94 -21.75 18.27
N ILE A 50 -12.62 -21.78 18.10
CA ILE A 50 -11.77 -20.60 18.34
C ILE A 50 -10.82 -20.40 17.16
N ALA A 51 -10.72 -19.17 16.67
CA ALA A 51 -9.75 -18.78 15.66
C ALA A 51 -8.68 -17.89 16.32
N ILE A 52 -7.43 -18.26 16.18
CA ILE A 52 -6.30 -17.40 16.52
C ILE A 52 -5.82 -16.74 15.21
N VAL A 53 -5.77 -15.41 15.18
CA VAL A 53 -5.65 -14.67 13.94
C VAL A 53 -4.55 -13.58 13.93
N ALA A 54 -3.98 -13.40 12.75
CA ALA A 54 -2.97 -12.41 12.44
C ALA A 54 -3.14 -12.01 10.98
N ASN A 55 -3.80 -10.88 10.75
CA ASN A 55 -4.20 -10.43 9.42
C ASN A 55 -4.90 -11.56 8.64
N PRO A 56 -6.00 -12.07 9.19
CA PRO A 56 -6.67 -13.18 8.52
C PRO A 56 -7.41 -12.67 7.28
N ASP A 57 -7.54 -13.48 6.25
CA ASP A 57 -8.54 -13.21 5.22
C ASP A 57 -9.95 -13.40 5.86
N PRO A 58 -10.79 -12.34 5.87
CA PRO A 58 -12.13 -12.47 6.52
C PRO A 58 -13.01 -13.55 5.91
N ALA A 59 -12.82 -13.83 4.62
CA ALA A 59 -13.59 -14.89 3.99
C ALA A 59 -13.29 -16.27 4.57
N ASP A 60 -12.05 -16.48 5.04
CA ASP A 60 -11.70 -17.74 5.70
C ASP A 60 -12.47 -17.90 7.01
N LEU A 61 -12.53 -16.85 7.82
CA LEU A 61 -13.30 -16.89 9.07
C LEU A 61 -14.78 -17.15 8.82
N ALA A 62 -15.33 -16.61 7.72
CA ALA A 62 -16.72 -16.85 7.35
C ALA A 62 -17.01 -18.32 7.01
N GLU A 63 -15.96 -19.11 6.77
CA GLU A 63 -16.08 -20.54 6.53
C GLU A 63 -15.85 -21.38 7.79
N LEU A 64 -15.90 -20.76 8.98
CA LEU A 64 -15.88 -21.49 10.24
C LEU A 64 -17.27 -21.38 10.89
N PRO A 65 -18.22 -22.23 10.47
CA PRO A 65 -19.64 -22.03 10.82
C PRO A 65 -19.98 -22.12 12.30
N ASN A 66 -19.18 -22.87 13.06
CA ASN A 66 -19.38 -23.00 14.51
C ASN A 66 -18.34 -22.26 15.35
N LEU A 67 -17.68 -21.29 14.72
CA LEU A 67 -16.83 -20.37 15.45
C LEU A 67 -17.59 -19.71 16.61
N VAL A 68 -16.92 -19.58 17.77
CA VAL A 68 -17.51 -18.93 18.95
C VAL A 68 -16.81 -17.59 19.13
N TRP A 69 -15.49 -17.59 19.25
CA TRP A 69 -14.76 -16.38 19.48
C TRP A 69 -13.34 -16.39 18.82
N ILE A 70 -12.77 -15.20 18.75
CA ILE A 70 -11.55 -14.92 17.95
C ILE A 70 -10.54 -14.25 18.85
N HIS A 71 -9.30 -14.72 18.77
CA HIS A 71 -8.18 -14.12 19.48
C HIS A 71 -7.16 -13.61 18.46
N SER A 72 -7.00 -12.28 18.47
CA SER A 72 -5.95 -11.63 17.68
C SER A 72 -4.63 -11.71 18.43
N LEU A 73 -3.54 -11.73 17.65
CA LEU A 73 -2.20 -11.71 18.17
C LEU A 73 -1.65 -10.29 18.15
N TRP A 74 -2.47 -9.33 17.72
CA TRP A 74 -2.08 -7.94 17.60
C TRP A 74 -3.00 -7.05 18.49
N ALA A 75 -2.44 -5.95 18.96
CA ALA A 75 -3.17 -4.95 19.77
C ALA A 75 -4.17 -4.14 18.94
N GLY A 76 -3.80 -3.87 17.69
CA GLY A 76 -4.59 -3.05 16.79
C GLY A 76 -5.62 -3.93 16.14
N VAL A 77 -6.86 -3.45 16.09
CA VAL A 77 -8.00 -4.26 15.62
C VAL A 77 -8.90 -3.63 14.58
N GLU A 78 -8.52 -2.52 13.99
CA GLU A 78 -9.46 -1.76 13.17
C GLU A 78 -9.96 -2.54 11.97
N ARG A 79 -9.09 -3.36 11.36
CA ARG A 79 -9.52 -4.15 10.20
C ARG A 79 -10.41 -5.27 10.67
N LEU A 80 -10.12 -5.82 11.84
CA LEU A 80 -10.96 -6.87 12.37
C LEU A 80 -12.36 -6.38 12.64
N VAL A 81 -12.47 -5.20 13.25
CA VAL A 81 -13.71 -4.54 13.47
C VAL A 81 -14.47 -4.35 12.16
N ALA A 82 -13.80 -3.77 11.17
CA ALA A 82 -14.44 -3.46 9.90
C ALA A 82 -14.84 -4.72 9.13
N GLU A 83 -13.96 -5.71 9.10
CA GLU A 83 -14.13 -6.87 8.24
C GLU A 83 -14.91 -8.02 8.90
N LEU A 84 -14.83 -8.15 10.22
CA LEU A 84 -15.39 -9.29 10.94
C LEU A 84 -16.54 -8.95 11.88
N GLY A 85 -16.80 -7.66 12.08
CA GLY A 85 -17.86 -7.19 12.95
C GLY A 85 -19.20 -7.83 12.63
N HIS A 86 -19.47 -8.00 11.33
CA HIS A 86 -20.72 -8.60 10.87
C HIS A 86 -20.98 -10.07 11.32
N LEU A 87 -19.91 -10.83 11.63
CA LEU A 87 -20.05 -12.21 12.12
C LEU A 87 -20.54 -12.23 13.56
N ALA A 88 -20.40 -11.10 14.27
CA ALA A 88 -20.89 -10.92 15.64
C ALA A 88 -20.28 -11.90 16.66
N ARG A 89 -19.05 -12.33 16.39
CA ARG A 89 -18.30 -13.18 17.30
C ARG A 89 -17.36 -12.27 18.08
N PRO A 90 -17.23 -12.48 19.39
CA PRO A 90 -16.29 -11.65 20.18
C PRO A 90 -14.85 -11.64 19.66
N ILE A 91 -14.28 -10.46 19.55
CA ILE A 91 -12.92 -10.27 19.08
C ILE A 91 -12.05 -9.88 20.27
N VAL A 92 -11.02 -10.68 20.57
CA VAL A 92 -10.15 -10.44 21.72
C VAL A 92 -8.84 -9.92 21.19
N ARG A 93 -8.50 -8.68 21.54
CA ARG A 93 -7.22 -8.11 21.08
C ARG A 93 -6.12 -8.48 22.04
N LEU A 94 -4.87 -8.35 21.60
CA LEU A 94 -3.74 -8.68 22.45
C LEU A 94 -3.44 -7.49 23.42
N VAL A 95 -3.49 -7.78 24.70
CA VAL A 95 -3.02 -6.91 25.79
C VAL A 95 -1.98 -7.75 26.51
N ASP A 96 -0.74 -7.23 26.56
CA ASP A 96 0.41 -7.97 27.03
C ASP A 96 1.39 -6.98 27.68
N PRO A 97 1.73 -7.20 28.95
CA PRO A 97 2.74 -6.33 29.55
C PRO A 97 4.07 -6.22 28.76
N GLU A 98 4.48 -7.30 28.12
CA GLU A 98 5.67 -7.27 27.30
C GLU A 98 5.54 -6.37 26.05
N LEU A 99 4.35 -6.35 25.43
CA LEU A 99 4.07 -5.43 24.37
C LEU A 99 4.14 -3.98 24.84
N ALA A 100 3.55 -3.72 25.99
CA ALA A 100 3.62 -2.37 26.59
C ALA A 100 5.08 -1.97 26.83
N ARG A 101 5.84 -2.89 27.39
CA ARG A 101 7.25 -2.64 27.68
C ARG A 101 8.04 -2.30 26.38
N THR A 102 7.80 -3.10 25.35
CA THR A 102 8.45 -2.93 24.07
C THR A 102 8.11 -1.59 23.39
N MET A 103 6.84 -1.20 23.41
CA MET A 103 6.42 0.04 22.80
C MET A 103 6.90 1.28 23.60
N ALA A 104 6.83 1.20 24.94
CA ALA A 104 7.33 2.27 25.76
C ALA A 104 8.82 2.48 25.47
N GLU A 105 9.57 1.37 25.34
CA GLU A 105 10.97 1.40 24.91
C GLU A 105 11.12 2.10 23.54
N ALA A 106 10.32 1.67 22.55
CA ALA A 106 10.38 2.27 21.21
C ALA A 106 10.17 3.78 21.27
N ALA A 107 9.19 4.18 22.06
CA ALA A 107 8.85 5.60 22.22
C ALA A 107 10.05 6.40 22.74
N LEU A 108 10.72 5.83 23.74
CA LEU A 108 11.91 6.52 24.29
C LEU A 108 13.09 6.45 23.30
N ALA A 109 13.29 5.28 22.68
CA ALA A 109 14.39 5.10 21.71
C ALA A 109 14.36 6.09 20.56
N TRP A 110 13.19 6.21 19.93
CA TRP A 110 13.05 7.13 18.80
C TRP A 110 12.87 8.61 19.26
N THR A 111 12.35 8.84 20.45
CA THR A 111 12.44 10.19 21.04
C THR A 111 13.94 10.61 21.17
N TYR A 112 14.77 9.69 21.67
CA TYR A 112 16.22 9.96 21.74
C TYR A 112 16.87 10.20 20.37
N TYR A 113 16.46 9.42 19.38
CA TYR A 113 16.96 9.55 18.02
C TYR A 113 16.75 10.96 17.56
N LEU A 114 15.58 11.52 17.82
CA LEU A 114 15.28 12.93 17.46
C LEU A 114 16.03 13.95 18.38
N PHE A 115 15.94 13.71 19.68
CA PHE A 115 16.40 14.62 20.69
C PHE A 115 17.91 14.78 20.63
N ARG A 116 18.62 13.67 20.49
CA ARG A 116 20.08 13.66 20.35
C ARG A 116 20.59 13.98 18.93
N ASP A 117 19.72 14.50 18.07
CA ASP A 117 20.10 15.02 16.74
C ASP A 117 20.70 13.98 15.83
N MET A 118 20.24 12.75 15.95
CA MET A 118 20.85 11.70 15.13
C MET A 118 20.66 11.93 13.61
N PRO A 119 19.46 12.41 13.15
CA PRO A 119 19.38 12.69 11.72
C PRO A 119 20.32 13.79 11.23
N ALA A 120 20.44 14.85 11.99
CA ALA A 120 21.35 15.94 11.56
C ALA A 120 22.80 15.46 11.52
N TYR A 121 23.20 14.63 12.48
CA TYR A 121 24.52 14.08 12.49
C TYR A 121 24.77 13.10 11.31
N ALA A 122 23.75 12.34 10.95
CA ALA A 122 23.86 11.44 9.78
C ALA A 122 24.02 12.26 8.48
N ALA A 123 23.30 13.37 8.36
CA ALA A 123 23.40 14.22 7.16
C ALA A 123 24.78 14.85 7.10
N GLN A 124 25.29 15.26 8.26
CA GLN A 124 26.64 15.82 8.31
C GLN A 124 27.67 14.76 7.92
N GLN A 125 27.48 13.54 8.37
CA GLN A 125 28.41 12.46 8.02
C GLN A 125 28.47 12.22 6.49
N ARG A 126 27.31 12.22 5.85
CA ARG A 126 27.25 12.04 4.41
C ARG A 126 27.95 13.19 3.70
N ALA A 127 27.89 14.38 4.27
CA ALA A 127 28.56 15.57 3.73
C ALA A 127 30.03 15.70 4.13
N ARG A 128 30.56 14.78 4.92
CA ARG A 128 31.92 14.89 5.51
C ARG A 128 32.11 16.20 6.30
N VAL A 129 31.07 16.58 7.04
CA VAL A 129 31.10 17.80 7.85
C VAL A 129 31.23 17.40 9.31
N TRP A 130 32.18 17.98 10.02
CA TRP A 130 32.37 17.78 11.45
C TRP A 130 31.84 19.03 12.12
N LYS A 131 30.74 18.91 12.87
CA LYS A 131 30.16 20.07 13.53
C LYS A 131 29.30 19.67 14.70
N GLY A 132 29.69 20.09 15.90
CA GLY A 132 28.90 19.81 17.08
C GLY A 132 27.67 20.69 17.09
N LEU A 133 26.54 20.15 17.56
CA LEU A 133 25.28 20.90 17.70
C LEU A 133 24.94 21.11 19.19
N PRO A 134 24.28 22.25 19.52
CA PRO A 134 23.99 22.54 20.93
C PRO A 134 23.08 21.52 21.63
N TYR A 135 23.40 21.23 22.88
CA TYR A 135 22.65 20.33 23.72
C TYR A 135 21.85 21.12 24.75
N LYS A 136 20.65 20.64 25.01
CA LYS A 136 19.78 21.21 26.01
C LYS A 136 19.19 19.99 26.77
N ARG A 137 18.97 20.14 28.07
CA ARG A 137 18.49 19.01 28.91
C ARG A 137 17.09 18.56 28.57
N PRO A 138 16.77 17.27 28.82
CA PRO A 138 15.38 16.77 28.59
C PRO A 138 14.33 17.49 29.41
N GLU A 139 14.69 17.98 30.59
CA GLU A 139 13.75 18.66 31.47
C GLU A 139 13.27 19.96 30.81
N ARG A 140 14.04 20.44 29.82
CA ARG A 140 13.67 21.62 29.04
C ARG A 140 12.97 21.27 27.73
N THR A 141 12.66 19.99 27.48
CA THR A 141 12.04 19.55 26.21
C THR A 141 10.66 18.90 26.48
N THR A 142 9.60 19.45 25.88
CA THR A 142 8.26 18.91 26.04
CA THR A 142 8.24 18.92 26.06
C THR A 142 7.96 17.83 25.03
N VAL A 143 7.57 16.66 25.53
CA VAL A 143 7.17 15.52 24.72
C VAL A 143 5.67 15.22 24.94
N GLY A 144 4.90 15.07 23.87
CA GLY A 144 3.43 14.83 23.93
C GLY A 144 3.15 13.41 23.46
N VAL A 145 2.30 12.69 24.18
CA VAL A 145 1.89 11.36 23.79
C VAL A 145 0.37 11.38 23.52
N LEU A 146 -0.03 11.02 22.30
CA LEU A 146 -1.45 10.90 21.93
C LEU A 146 -1.88 9.46 22.13
N GLY A 147 -2.83 9.27 23.04
CA GLY A 147 -3.20 7.93 23.53
C GLY A 147 -2.51 7.61 24.83
N LEU A 148 -3.29 7.34 25.88
CA LEU A 148 -2.76 6.95 27.18
C LEU A 148 -3.30 5.60 27.62
N GLY A 149 -3.28 4.64 26.67
CA GLY A 149 -3.81 3.33 26.91
C GLY A 149 -2.76 2.37 27.42
N GLU A 150 -2.94 1.09 27.08
CA GLU A 150 -1.94 0.06 27.44
C GLU A 150 -0.53 0.47 27.00
N LEU A 151 -0.43 1.01 25.79
CA LEU A 151 0.87 1.37 25.26
C LEU A 151 1.26 2.78 25.56
N GLY A 152 0.33 3.70 25.32
CA GLY A 152 0.58 5.11 25.54
C GLY A 152 0.94 5.50 26.96
N ALA A 153 0.21 4.97 27.94
CA ALA A 153 0.58 5.27 29.32
C ALA A 153 1.96 4.75 29.69
N ALA A 154 2.25 3.53 29.23
CA ALA A 154 3.57 2.96 29.48
C ALA A 154 4.65 3.84 28.84
N ALA A 155 4.41 4.32 27.63
CA ALA A 155 5.35 5.24 26.97
C ALA A 155 5.53 6.55 27.76
N ALA A 156 4.43 7.13 28.24
CA ALA A 156 4.52 8.36 29.01
C ALA A 156 5.37 8.17 30.27
N LEU A 157 5.22 7.02 30.95
CA LEU A 157 6.05 6.73 32.10
C LEU A 157 7.55 6.62 31.78
N ARG A 158 7.95 5.91 30.71
CA ARG A 158 9.38 5.85 30.33
C ARG A 158 9.95 7.22 30.00
N LEU A 159 9.20 7.98 29.23
CA LEU A 159 9.61 9.33 28.86
C LEU A 159 9.77 10.23 30.08
N ARG A 160 8.82 10.15 31.00
CA ARG A 160 8.89 10.85 32.27
C ARG A 160 10.20 10.51 33.00
N ASP A 161 10.48 9.20 33.10
CA ASP A 161 11.62 8.76 33.88
C ASP A 161 12.94 9.12 33.22
N ALA A 162 12.96 9.30 31.90
CA ALA A 162 14.13 9.85 31.22
C ALA A 162 14.34 11.35 31.45
N GLY A 163 13.37 12.01 32.12
CA GLY A 163 13.49 13.41 32.47
C GLY A 163 12.79 14.42 31.57
N PHE A 164 12.07 13.95 30.55
CA PHE A 164 11.36 14.84 29.65
C PHE A 164 10.16 15.46 30.37
N ASP A 165 9.76 16.64 29.93
CA ASP A 165 8.53 17.24 30.41
C ASP A 165 7.34 16.66 29.59
N VAL A 166 6.59 15.72 30.18
CA VAL A 166 5.64 14.90 29.38
C VAL A 166 4.19 15.35 29.51
N HIS A 167 3.52 15.47 28.37
CA HIS A 167 2.10 15.76 28.31
C HIS A 167 1.41 14.61 27.59
N GLY A 168 0.24 14.18 28.07
CA GLY A 168 -0.48 13.11 27.43
C GLY A 168 -1.90 13.54 27.09
N TRP A 169 -2.49 12.87 26.09
CA TRP A 169 -3.84 13.21 25.65
C TRP A 169 -4.65 11.93 25.44
N SER A 170 -5.87 11.90 25.97
CA SER A 170 -6.76 10.79 25.76
C SER A 170 -8.21 11.29 25.74
N ARG A 171 -9.15 10.38 25.55
CA ARG A 171 -10.55 10.76 25.43
C ARG A 171 -11.12 11.13 26.81
N SER A 172 -10.72 10.39 27.84
CA SER A 172 -11.27 10.56 29.18
C SER A 172 -10.14 10.87 30.13
N PRO A 173 -10.47 11.51 31.27
CA PRO A 173 -9.40 12.01 32.12
C PRO A 173 -8.59 10.90 32.78
N LYS A 174 -7.27 11.12 32.85
CA LYS A 174 -6.30 10.25 33.50
C LYS A 174 -5.57 11.03 34.59
N GLU A 175 -4.99 10.31 35.54
CA GLU A 175 -4.00 10.86 36.47
C GLU A 175 -2.80 9.95 36.37
N ILE A 176 -1.70 10.52 35.88
CA ILE A 176 -0.45 9.81 35.72
C ILE A 176 0.57 10.65 36.47
N ALA A 177 1.16 10.06 37.48
CA ALA A 177 2.13 10.76 38.28
C ALA A 177 3.24 11.34 37.37
N GLY A 178 3.52 12.62 37.57
CA GLY A 178 4.59 13.29 36.86
C GLY A 178 4.32 13.62 35.41
N VAL A 179 3.08 13.45 34.94
CA VAL A 179 2.69 13.68 33.54
C VAL A 179 1.50 14.61 33.53
N THR A 180 1.49 15.59 32.61
CA THR A 180 0.34 16.51 32.49
C THR A 180 -0.64 15.86 31.51
N CYS A 181 -1.83 15.54 32.01
CA CYS A 181 -2.80 14.79 31.24
C CYS A 181 -3.94 15.68 30.81
N HIS A 182 -4.26 15.59 29.54
CA HIS A 182 -5.32 16.39 28.92
C HIS A 182 -6.36 15.42 28.43
N ALA A 183 -7.62 15.83 28.47
CA ALA A 183 -8.70 15.00 27.91
C ALA A 183 -9.66 15.76 27.03
N GLY A 184 -10.12 15.09 25.98
CA GLY A 184 -11.20 15.59 25.13
C GLY A 184 -10.70 16.34 23.92
N GLU A 185 -11.53 16.36 22.89
CA GLU A 185 -11.23 17.09 21.66
CA GLU A 185 -11.23 17.09 21.66
C GLU A 185 -10.88 18.54 21.98
N GLU A 186 -11.64 19.14 22.91
CA GLU A 186 -11.45 20.51 23.32
C GLU A 186 -10.04 20.92 23.76
N THR A 187 -9.23 19.98 24.24
CA THR A 187 -7.89 20.32 24.76
C THR A 187 -6.71 19.95 23.85
N LEU A 188 -6.99 19.32 22.72
CA LEU A 188 -5.93 18.83 21.84
C LEU A 188 -5.02 19.94 21.29
N GLU A 189 -5.63 20.94 20.66
CA GLU A 189 -4.88 22.00 20.02
C GLU A 189 -4.01 22.79 21.03
N ARG A 190 -4.53 22.99 22.24
CA ARG A 190 -3.78 23.68 23.31
C ARG A 190 -2.57 22.83 23.69
N MET A 191 -2.79 21.52 23.86
CA MET A 191 -1.70 20.60 24.16
CA MET A 191 -1.70 20.60 24.16
C MET A 191 -0.59 20.61 23.07
N LEU A 192 -1.00 20.53 21.82
CA LEU A 192 -0.07 20.51 20.69
C LEU A 192 0.79 21.75 20.60
N GLY A 193 0.21 22.89 20.98
CA GLY A 193 0.94 24.16 21.08
C GLY A 193 2.20 24.14 21.93
N GLN A 194 2.25 23.24 22.91
CA GLN A 194 3.39 23.13 23.80
C GLN A 194 4.39 22.01 23.47
N VAL A 195 4.09 21.16 22.48
CA VAL A 195 4.86 19.92 22.24
C VAL A 195 6.02 20.08 21.24
N GLU A 196 7.24 19.76 21.66
CA GLU A 196 8.41 19.73 20.77
C GLU A 196 8.65 18.39 20.06
N ILE A 197 8.29 17.29 20.71
CA ILE A 197 8.33 15.96 20.10
C ILE A 197 7.01 15.29 20.39
N LEU A 198 6.32 14.84 19.32
CA LEU A 198 4.94 14.32 19.44
C LEU A 198 4.96 12.84 19.10
N VAL A 199 4.48 12.01 20.01
CA VAL A 199 4.44 10.57 19.77
C VAL A 199 2.95 10.13 19.69
N CYS A 200 2.59 9.47 18.60
CA CYS A 200 1.21 9.04 18.40
C CYS A 200 1.05 7.54 18.65
N LEU A 201 0.16 7.23 19.62
CA LEU A 201 -0.19 5.87 20.07
C LEU A 201 -1.72 5.71 20.25
N LEU A 202 -2.44 6.32 19.31
CA LEU A 202 -3.89 6.16 19.20
C LEU A 202 -4.28 4.94 18.34
N PRO A 203 -5.48 4.38 18.59
CA PRO A 203 -6.06 3.44 17.66
C PRO A 203 -6.71 4.18 16.49
N LEU A 204 -6.85 3.50 15.34
CA LEU A 204 -7.54 4.05 14.20
C LEU A 204 -9.02 3.77 14.32
N THR A 205 -9.80 4.84 14.36
CA THR A 205 -11.26 4.77 14.36
C THR A 205 -11.79 5.88 13.46
N GLY A 206 -13.10 5.91 13.28
CA GLY A 206 -13.76 7.03 12.61
C GLY A 206 -13.45 8.38 13.25
N GLU A 207 -13.18 8.41 14.55
CA GLU A 207 -12.94 9.64 15.26
C GLU A 207 -11.46 10.06 15.21
N THR A 208 -10.53 9.12 15.07
CA THR A 208 -9.10 9.48 15.00
C THR A 208 -8.55 9.58 13.56
N ARG A 209 -9.26 9.06 12.56
CA ARG A 209 -8.81 9.21 11.17
C ARG A 209 -8.71 10.67 10.77
N GLY A 210 -7.57 11.07 10.24
CA GLY A 210 -7.33 12.46 9.85
C GLY A 210 -7.20 13.45 10.99
N LEU A 211 -6.94 12.96 12.21
CA LEU A 211 -6.85 13.85 13.37
C LEU A 211 -5.73 14.89 13.19
N LEU A 212 -4.58 14.40 12.76
CA LEU A 212 -3.42 15.25 12.56
C LEU A 212 -3.44 15.73 11.12
N ASP A 213 -4.33 16.68 10.87
CA ASP A 213 -4.51 17.33 9.57
C ASP A 213 -3.71 18.63 9.52
N ALA A 214 -3.85 19.41 8.45
CA ALA A 214 -3.09 20.66 8.30
C ALA A 214 -3.29 21.61 9.48
N ARG A 215 -4.54 21.75 9.92
CA ARG A 215 -4.85 22.59 11.05
C ARG A 215 -4.16 22.13 12.33
N ARG A 216 -4.26 20.84 12.66
CA ARG A 216 -3.67 20.35 13.91
C ARG A 216 -2.15 20.39 13.86
N LEU A 217 -1.57 20.05 12.72
CA LEU A 217 -0.11 20.13 12.54
C LEU A 217 0.39 21.57 12.69
N ALA A 218 -0.40 22.52 12.23
CA ALA A 218 -0.07 23.95 12.38
C ALA A 218 -0.07 24.43 13.82
N CYS A 219 -0.70 23.68 14.73
CA CYS A 219 -0.67 24.00 16.16
C CYS A 219 0.69 23.73 16.82
N LEU A 220 1.47 22.81 16.26
CA LEU A 220 2.78 22.50 16.84
C LEU A 220 3.73 23.72 16.70
N PRO A 221 4.65 23.86 17.65
CA PRO A 221 5.62 24.96 17.52
C PRO A 221 6.57 24.70 16.40
N GLU A 222 7.17 25.77 15.89
CA GLU A 222 8.09 25.66 14.80
C GLU A 222 9.23 24.73 15.15
N GLY A 223 9.54 23.82 14.24
CA GLY A 223 10.59 22.79 14.40
C GLY A 223 10.19 21.54 15.16
N ALA A 224 8.93 21.43 15.58
CA ALA A 224 8.45 20.23 16.28
C ALA A 224 8.69 19.00 15.44
N GLN A 225 8.87 17.86 16.09
CA GLN A 225 9.18 16.59 15.40
C GLN A 225 8.17 15.54 15.83
N ILE A 226 7.83 14.66 14.93
CA ILE A 226 6.73 13.72 15.15
CA ILE A 226 6.73 13.72 15.11
C ILE A 226 7.19 12.26 14.98
N VAL A 227 6.56 11.39 15.76
CA VAL A 227 6.79 9.95 15.73
C VAL A 227 5.39 9.35 15.59
N ASN A 228 5.13 8.69 14.47
CA ASN A 228 3.88 7.95 14.34
C ASN A 228 4.07 6.44 14.44
N PHE A 229 3.69 5.92 15.60
CA PHE A 229 3.65 4.48 15.88
C PHE A 229 2.20 3.95 16.03
N ALA A 230 1.23 4.72 15.56
CA ALA A 230 -0.17 4.37 15.68
C ALA A 230 -0.69 3.67 14.40
N ARG A 231 -1.30 4.43 13.50
CA ARG A 231 -1.70 3.99 12.19
C ARG A 231 -1.51 5.16 11.24
N GLY A 232 -1.21 4.85 9.99
CA GLY A 232 -0.94 5.91 8.97
C GLY A 232 -2.04 6.96 8.79
N PRO A 233 -3.31 6.53 8.62
CA PRO A 233 -4.43 7.44 8.36
C PRO A 233 -4.71 8.49 9.44
N ILE A 234 -4.12 8.33 10.63
CA ILE A 234 -4.29 9.31 11.69
C ILE A 234 -3.61 10.65 11.31
N LEU A 235 -2.59 10.56 10.46
CA LEU A 235 -1.74 11.68 10.07
C LEU A 235 -1.91 11.91 8.60
N ASP A 236 -2.40 13.09 8.21
CA ASP A 236 -2.56 13.47 6.82
C ASP A 236 -1.19 13.62 6.11
N SER A 237 -0.91 12.71 5.18
CA SER A 237 0.40 12.63 4.54
C SER A 237 0.78 13.87 3.76
N ALA A 238 -0.19 14.39 3.02
CA ALA A 238 0.04 15.58 2.20
C ALA A 238 0.37 16.78 3.04
N ALA A 239 -0.42 16.95 4.10
CA ALA A 239 -0.21 18.03 5.06
C ALA A 239 1.15 17.92 5.74
N LEU A 240 1.54 16.70 6.10
CA LEU A 240 2.84 16.47 6.71
C LEU A 240 3.98 16.91 5.79
N ILE A 241 3.91 16.52 4.51
CA ILE A 241 4.96 16.89 3.56
C ILE A 241 5.06 18.40 3.41
N GLU A 242 3.91 19.07 3.31
CA GLU A 242 3.89 20.54 3.24
C GLU A 242 4.52 21.17 4.48
N ALA A 243 4.24 20.60 5.64
CA ALA A 243 4.82 21.10 6.90
C ALA A 243 6.33 20.85 7.02
N LEU A 244 6.79 19.70 6.53
CA LEU A 244 8.22 19.43 6.47
C LEU A 244 8.93 20.37 5.51
N ASP A 245 8.34 20.56 4.33
CA ASP A 245 8.98 21.41 3.32
C ASP A 245 8.96 22.90 3.68
N SER A 246 8.00 23.35 4.46
CA SER A 246 7.92 24.75 4.92
C SER A 246 8.87 25.03 6.10
N GLY A 247 9.43 23.96 6.69
CA GLY A 247 10.30 24.06 7.85
C GLY A 247 9.54 24.17 9.17
N ARG A 248 8.22 23.96 9.15
CA ARG A 248 7.43 24.09 10.37
C ARG A 248 7.53 22.83 11.23
N ILE A 249 7.69 21.67 10.58
CA ILE A 249 7.98 20.41 11.26
C ILE A 249 9.42 20.02 10.90
N GLY A 250 10.25 19.73 11.90
CA GLY A 250 11.68 19.41 11.67
C GLY A 250 11.97 18.03 11.09
N HIS A 251 11.22 17.01 11.53
CA HIS A 251 11.50 15.62 11.17
C HIS A 251 10.30 14.74 11.54
N ALA A 252 10.15 13.60 10.85
CA ALA A 252 9.10 12.64 11.15
C ALA A 252 9.65 11.22 11.06
N VAL A 253 9.42 10.45 12.13
CA VAL A 253 9.70 9.05 12.21
C VAL A 253 8.33 8.37 12.01
N LEU A 254 8.21 7.61 10.94
CA LEU A 254 6.95 6.98 10.55
C LEU A 254 7.13 5.49 10.45
N ASP A 255 6.38 4.76 11.26
CA ASP A 255 6.42 3.30 11.33
C ASP A 255 5.21 2.67 10.66
N VAL A 256 4.19 3.47 10.34
CA VAL A 256 2.86 2.96 9.95
C VAL A 256 2.30 3.86 8.83
N PHE A 257 1.64 3.22 7.87
CA PHE A 257 1.22 3.88 6.63
C PHE A 257 -0.12 3.35 6.14
N GLU A 258 -0.79 4.13 5.30
CA GLU A 258 -2.11 3.75 4.78
C GLU A 258 -2.06 2.50 3.91
N VAL A 259 -0.95 2.31 3.20
CA VAL A 259 -0.65 1.11 2.42
C VAL A 259 0.70 0.56 2.89
N GLU A 260 0.71 -0.70 3.29
CA GLU A 260 1.90 -1.42 3.72
C GLU A 260 1.98 -2.74 2.96
N PRO A 261 3.12 -3.11 2.38
CA PRO A 261 4.38 -2.30 2.36
C PRO A 261 4.22 -0.97 1.67
N LEU A 262 4.93 0.03 2.18
CA LEU A 262 4.89 1.39 1.63
C LEU A 262 5.21 1.35 0.16
N PRO A 263 4.28 1.84 -0.70
CA PRO A 263 4.63 1.85 -2.13
C PRO A 263 5.91 2.61 -2.45
N GLU A 264 6.62 2.11 -3.45
CA GLU A 264 7.87 2.72 -3.90
C GLU A 264 7.72 4.22 -4.30
N ALA A 265 6.57 4.61 -4.83
CA ALA A 265 6.32 6.01 -5.21
C ALA A 265 6.07 6.94 -4.03
N SER A 266 5.91 6.44 -2.81
CA SER A 266 5.70 7.32 -1.68
C SER A 266 6.84 8.35 -1.57
N PRO A 267 6.48 9.62 -1.37
CA PRO A 267 7.54 10.62 -1.12
C PRO A 267 8.30 10.39 0.18
N PHE A 268 7.77 9.56 1.10
CA PHE A 268 8.44 9.36 2.38
C PHE A 268 9.80 8.65 2.26
N TRP A 269 9.96 7.74 1.31
CA TRP A 269 11.21 6.98 1.23
C TRP A 269 12.40 7.90 1.02
N GLY A 270 12.25 8.85 0.10
CA GLY A 270 13.33 9.72 -0.27
C GLY A 270 13.41 11.05 0.43
N HIS A 271 12.43 11.37 1.28
CA HIS A 271 12.41 12.72 1.87
C HIS A 271 13.56 12.84 2.88
N PRO A 272 14.39 13.89 2.77
CA PRO A 272 15.49 14.08 3.78
C PRO A 272 15.07 14.26 5.25
N LYS A 273 13.82 14.59 5.52
CA LYS A 273 13.35 14.83 6.88
C LYS A 273 12.42 13.73 7.40
N VAL A 274 12.42 12.59 6.70
CA VAL A 274 11.64 11.43 7.08
C VAL A 274 12.45 10.16 7.31
N THR A 275 12.20 9.53 8.46
CA THR A 275 12.73 8.21 8.79
C THR A 275 11.58 7.15 8.69
N VAL A 276 11.73 6.21 7.76
CA VAL A 276 10.74 5.15 7.49
C VAL A 276 11.15 3.90 8.23
N LEU A 277 10.21 3.35 9.01
CA LEU A 277 10.40 2.10 9.71
C LEU A 277 9.31 1.18 9.25
N PRO A 278 9.60 -0.11 9.06
CA PRO A 278 8.57 -1.02 8.48
C PRO A 278 7.62 -1.71 9.48
N HIS A 279 6.90 -0.89 10.25
CA HIS A 279 5.92 -1.38 11.21
C HIS A 279 6.57 -2.35 12.19
N ILE A 280 7.59 -1.84 12.88
CA ILE A 280 8.41 -2.64 13.79
C ILE A 280 8.60 -2.03 15.20
N SER A 281 7.93 -0.92 15.52
CA SER A 281 8.17 -0.25 16.81
C SER A 281 7.86 -1.18 17.98
N ALA A 282 6.75 -1.94 17.89
CA ALA A 282 6.42 -2.97 18.90
C ALA A 282 5.85 -4.21 18.29
N ALA A 283 6.72 -5.12 17.89
CA ALA A 283 6.31 -6.42 17.36
C ALA A 283 5.79 -7.29 18.52
N THR A 284 4.74 -8.06 18.28
CA THR A 284 4.27 -9.03 19.23
C THR A 284 5.35 -10.08 19.53
N ASP A 285 5.53 -10.35 20.81
CA ASP A 285 6.50 -11.33 21.28
C ASP A 285 5.78 -12.65 21.27
N PRO A 286 6.20 -13.58 20.39
CA PRO A 286 5.47 -14.85 20.29
C PRO A 286 5.45 -15.70 21.57
N GLU A 287 6.49 -15.61 22.39
CA GLU A 287 6.50 -16.32 23.68
C GLU A 287 5.46 -15.79 24.68
N THR A 288 5.49 -14.49 24.96
CA THR A 288 4.60 -13.94 25.96
C THR A 288 3.16 -13.91 25.45
N ALA A 289 3.00 -13.58 24.16
CA ALA A 289 1.62 -13.50 23.64
C ALA A 289 1.00 -14.90 23.61
N SER A 290 1.80 -15.91 23.25
CA SER A 290 1.32 -17.31 23.26
C SER A 290 0.84 -17.76 24.64
N ALA A 291 1.59 -17.39 25.67
CA ALA A 291 1.21 -17.73 27.05
C ALA A 291 -0.11 -17.00 27.44
N ILE A 292 -0.31 -15.79 26.95
CA ILE A 292 -1.57 -15.05 27.20
C ILE A 292 -2.77 -15.70 26.48
N VAL A 293 -2.59 -16.01 25.20
CA VAL A 293 -3.62 -16.75 24.44
C VAL A 293 -3.89 -18.10 25.14
N GLY A 294 -2.83 -18.78 25.54
CA GLY A 294 -2.93 -20.05 26.22
C GLY A 294 -3.78 -19.97 27.47
N ALA A 295 -3.51 -18.97 28.31
CA ALA A 295 -4.28 -18.83 29.56
C ALA A 295 -5.76 -18.51 29.27
N HIS A 296 -6.01 -17.67 28.26
CA HIS A 296 -7.37 -17.38 27.84
C HIS A 296 -8.12 -18.62 27.32
N VAL A 297 -7.46 -19.43 26.48
CA VAL A 297 -8.09 -20.63 25.96
C VAL A 297 -8.33 -21.60 27.11
N ALA A 298 -7.35 -21.77 27.97
CA ALA A 298 -7.50 -22.69 29.10
C ALA A 298 -8.66 -22.29 29.97
N ASP A 299 -8.80 -20.99 30.22
CA ASP A 299 -9.89 -20.54 31.08
C ASP A 299 -11.25 -20.80 30.39
N TYR A 300 -11.32 -20.59 29.08
CA TYR A 300 -12.50 -20.92 28.28
C TYR A 300 -12.84 -22.43 28.38
N ARG A 301 -11.84 -23.29 28.19
CA ARG A 301 -12.08 -24.74 28.33
C ARG A 301 -12.54 -25.17 29.72
N ALA A 302 -12.01 -24.50 30.76
CA ALA A 302 -12.32 -24.84 32.14
C ALA A 302 -13.67 -24.34 32.61
N THR A 303 -14.02 -23.10 32.25
CA THR A 303 -15.18 -22.37 32.85
C THR A 303 -16.19 -21.79 31.85
N GLY A 304 -15.87 -21.79 30.55
CA GLY A 304 -16.70 -21.16 29.55
C GLY A 304 -16.45 -19.68 29.37
N ARG A 305 -15.51 -19.12 30.12
CA ARG A 305 -15.23 -17.70 30.07
C ARG A 305 -14.61 -17.29 28.73
N ILE A 306 -15.25 -16.35 28.04
CA ILE A 306 -14.63 -15.71 26.87
C ILE A 306 -14.00 -14.41 27.42
N PRO A 307 -12.75 -14.10 27.02
CA PRO A 307 -12.09 -12.91 27.55
C PRO A 307 -12.77 -11.62 27.10
N PRO A 308 -12.55 -10.52 27.85
CA PRO A 308 -13.08 -9.23 27.40
C PRO A 308 -12.78 -8.98 25.91
N SER A 309 -13.75 -8.44 25.20
CA SER A 309 -13.66 -8.27 23.75
C SER A 309 -13.94 -6.84 23.32
N VAL A 310 -13.67 -6.56 22.05
CA VAL A 310 -13.81 -5.25 21.49
C VAL A 310 -15.30 -4.86 21.33
N ASP A 311 -15.63 -3.66 21.80
CA ASP A 311 -16.96 -3.08 21.60
C ASP A 311 -16.95 -2.50 20.20
N LEU A 312 -17.73 -3.09 19.29
CA LEU A 312 -17.74 -2.69 17.87
C LEU A 312 -18.18 -1.23 17.66
N THR A 313 -19.08 -0.72 18.50
CA THR A 313 -19.57 0.65 18.29
C THR A 313 -18.50 1.71 18.70
N ARG A 314 -17.80 1.41 19.78
CA ARG A 314 -16.67 2.18 20.26
C ARG A 314 -15.52 2.13 19.24
N GLY A 315 -15.33 0.97 18.65
CA GLY A 315 -14.36 0.81 17.56
C GLY A 315 -12.94 0.51 17.99
N TYR A 316 -12.66 0.51 19.30
CA TYR A 316 -11.33 0.16 19.84
C TYR A 316 -11.46 -0.47 21.22
N PHE B 1 43.94 11.55 -19.11
CA PHE B 1 42.60 11.54 -19.79
C PHE B 1 41.75 10.29 -19.43
N GLN B 2 40.60 10.54 -18.79
CA GLN B 2 39.63 9.51 -18.44
C GLN B 2 38.29 9.95 -19.02
N SER B 3 37.80 9.23 -20.03
CA SER B 3 36.52 9.56 -20.71
C SER B 3 35.38 9.66 -19.72
N MET B 4 34.58 10.72 -19.79
CA MET B 4 33.46 10.78 -18.89
C MET B 4 32.32 9.99 -19.53
N SER B 5 31.37 9.65 -18.68
CA SER B 5 30.29 8.80 -19.07
C SER B 5 29.25 9.59 -19.84
N ARG B 6 28.47 8.89 -20.66
CA ARG B 6 27.37 9.53 -21.36
C ARG B 6 26.13 8.63 -21.36
N ILE B 7 25.04 9.20 -21.85
CA ILE B 7 23.75 8.54 -21.82
C ILE B 7 23.22 8.44 -23.27
N ALA B 8 22.76 7.24 -23.63
CA ALA B 8 22.14 6.99 -24.91
C ALA B 8 20.61 6.98 -24.70
N LEU B 9 19.90 7.75 -25.55
CA LEU B 9 18.45 7.69 -25.65
C LEU B 9 18.14 6.71 -26.76
N VAL B 10 17.50 5.60 -26.39
CA VAL B 10 17.34 4.47 -27.30
C VAL B 10 15.84 4.18 -27.46
N THR B 11 15.26 4.58 -28.60
CA THR B 11 13.80 4.37 -28.80
C THR B 11 13.42 3.94 -30.20
N ARG B 12 12.18 3.48 -30.36
CA ARG B 12 11.58 3.32 -31.67
C ARG B 12 10.30 4.09 -31.71
N LEU B 13 10.36 5.27 -31.13
CA LEU B 13 9.30 6.24 -31.28
C LEU B 13 9.52 6.95 -32.60
N SER B 14 8.54 7.76 -32.99
CA SER B 14 8.70 8.67 -34.12
C SER B 14 9.80 9.69 -33.83
N PRO B 15 10.46 10.23 -34.89
CA PRO B 15 11.44 11.32 -34.69
C PRO B 15 10.91 12.51 -33.88
N GLU B 16 9.66 12.89 -34.12
CA GLU B 16 9.00 13.99 -33.39
C GLU B 16 8.79 13.68 -31.90
N ALA B 17 8.31 12.47 -31.61
CA ALA B 17 8.09 12.04 -30.23
C ALA B 17 9.43 11.87 -29.49
N GLU B 18 10.44 11.31 -30.16
CA GLU B 18 11.78 11.18 -29.56
C GLU B 18 12.45 12.53 -29.28
N ALA B 19 12.26 13.48 -30.21
CA ALA B 19 12.74 14.84 -30.02
C ALA B 19 12.05 15.52 -28.84
N HIS B 20 10.73 15.35 -28.73
CA HIS B 20 9.96 15.88 -27.58
C HIS B 20 10.57 15.35 -26.28
N TRP B 21 10.81 14.04 -26.25
CA TRP B 21 11.42 13.41 -25.09
C TRP B 21 12.82 13.94 -24.82
N ALA B 22 13.62 14.08 -25.86
CA ALA B 22 14.99 14.59 -25.75
C ALA B 22 15.02 15.96 -25.10
N GLY B 23 14.13 16.84 -25.52
CA GLY B 23 14.08 18.17 -24.95
C GLY B 23 13.77 18.09 -23.48
N HIS B 24 12.75 17.30 -23.10
CA HIS B 24 12.37 17.17 -21.69
C HIS B 24 13.49 16.60 -20.84
N LEU B 25 14.16 15.56 -21.34
CA LEU B 25 15.31 14.96 -20.65
C LEU B 25 16.51 15.90 -20.55
N ALA B 26 16.81 16.60 -21.63
CA ALA B 26 17.94 17.53 -21.61
C ALA B 26 17.74 18.64 -20.54
N ARG B 27 16.49 19.12 -20.40
CA ARG B 27 16.13 20.12 -19.38
C ARG B 27 16.22 19.56 -17.97
N ALA B 28 15.79 18.31 -17.78
CA ALA B 28 15.84 17.68 -16.48
C ALA B 28 17.25 17.22 -16.10
N LEU B 29 18.10 16.97 -17.09
CA LEU B 29 19.48 16.47 -16.83
C LEU B 29 20.51 17.36 -17.51
N PRO B 30 20.58 18.64 -17.12
CA PRO B 30 21.38 19.62 -17.87
C PRO B 30 22.90 19.35 -17.91
N GLY B 31 23.44 18.68 -16.89
CA GLY B 31 24.87 18.36 -16.86
C GLY B 31 25.26 17.10 -17.61
N GLU B 32 24.29 16.39 -18.18
CA GLU B 32 24.57 15.09 -18.81
C GLU B 32 24.72 15.22 -20.31
N ARG B 33 25.53 14.34 -20.92
CA ARG B 33 25.60 14.25 -22.38
C ARG B 33 24.62 13.15 -22.78
N ILE B 34 23.49 13.55 -23.37
CA ILE B 34 22.45 12.61 -23.83
C ILE B 34 22.30 12.75 -25.34
N ASP B 35 22.38 11.64 -26.07
CA ASP B 35 22.19 11.62 -27.51
C ASP B 35 21.40 10.40 -27.95
N GLY B 36 20.67 10.56 -29.03
CA GLY B 36 20.07 9.43 -29.73
C GLY B 36 21.15 8.40 -30.06
N PHE B 37 20.84 7.14 -29.85
CA PHE B 37 21.73 6.04 -30.20
C PHE B 37 22.29 6.18 -31.61
N ARG B 38 21.44 6.54 -32.58
CA ARG B 38 21.87 6.60 -33.99
C ARG B 38 22.90 7.71 -34.23
N GLU B 39 22.99 8.69 -33.32
CA GLU B 39 23.97 9.77 -33.44
C GLU B 39 25.37 9.43 -32.93
N LEU B 40 25.53 8.33 -32.19
CA LEU B 40 26.80 8.03 -31.56
C LEU B 40 27.68 7.23 -32.48
N SER B 41 28.97 7.59 -32.54
CA SER B 41 29.97 6.77 -33.24
C SER B 41 30.27 5.53 -32.38
N PRO B 42 30.95 4.53 -32.97
CA PRO B 42 31.34 3.35 -32.18
C PRO B 42 32.14 3.70 -30.91
N ALA B 43 33.06 4.66 -31.01
CA ALA B 43 33.85 5.08 -29.82
C ALA B 43 32.99 5.76 -28.75
N GLU B 44 32.08 6.62 -29.18
CA GLU B 44 31.09 7.25 -28.27
C GLU B 44 30.16 6.23 -27.61
N ARG B 45 29.76 5.20 -28.34
CA ARG B 45 28.96 4.11 -27.79
C ARG B 45 29.63 3.42 -26.61
N ALA B 46 30.97 3.31 -26.68
CA ALA B 46 31.73 2.67 -25.60
C ALA B 46 31.73 3.51 -24.32
N GLU B 47 31.40 4.81 -24.43
CA GLU B 47 31.34 5.70 -23.26
C GLU B 47 29.98 5.68 -22.53
N VAL B 48 28.99 4.99 -23.09
CA VAL B 48 27.67 4.98 -22.51
C VAL B 48 27.62 4.02 -21.31
N ASP B 49 27.24 4.53 -20.14
CA ASP B 49 26.91 3.66 -18.99
C ASP B 49 25.43 3.52 -18.67
N ILE B 50 24.59 4.46 -19.16
CA ILE B 50 23.15 4.42 -18.90
C ILE B 50 22.42 4.57 -20.24
N ALA B 51 21.42 3.72 -20.47
CA ALA B 51 20.50 3.85 -21.57
C ALA B 51 19.12 4.27 -21.03
N ILE B 52 18.58 5.36 -21.56
CA ILE B 52 17.17 5.73 -21.36
C ILE B 52 16.41 5.23 -22.56
N VAL B 53 15.38 4.43 -22.30
CA VAL B 53 14.77 3.64 -23.36
C VAL B 53 13.24 3.78 -23.43
N ALA B 54 12.76 3.67 -24.65
CA ALA B 54 11.36 3.65 -24.97
C ALA B 54 11.15 2.72 -26.16
N ASN B 55 10.72 1.48 -25.89
CA ASN B 55 10.64 0.44 -26.89
C ASN B 55 11.95 0.37 -27.73
N PRO B 56 13.09 0.19 -27.07
CA PRO B 56 14.35 0.11 -27.76
C PRO B 56 14.51 -1.14 -28.62
N ASP B 57 15.23 -1.01 -29.73
CA ASP B 57 15.68 -2.19 -30.47
C ASP B 57 16.73 -2.88 -29.59
N PRO B 58 16.50 -4.15 -29.20
CA PRO B 58 17.44 -4.82 -28.31
C PRO B 58 18.83 -4.97 -28.90
N ALA B 59 18.92 -5.06 -30.23
CA ALA B 59 20.24 -5.09 -30.88
C ALA B 59 21.08 -3.83 -30.69
N ASP B 60 20.41 -2.67 -30.55
CA ASP B 60 21.12 -1.43 -30.23
C ASP B 60 21.73 -1.45 -28.84
N LEU B 61 20.96 -1.90 -27.85
CA LEU B 61 21.48 -2.04 -26.50
C LEU B 61 22.67 -3.01 -26.41
N ALA B 62 22.65 -4.06 -27.23
CA ALA B 62 23.78 -5.03 -27.30
C ALA B 62 25.08 -4.41 -27.85
N GLU B 63 24.98 -3.26 -28.49
CA GLU B 63 26.14 -2.52 -28.97
C GLU B 63 26.59 -1.42 -28.00
N LEU B 64 26.16 -1.50 -26.75
CA LEU B 64 26.66 -0.60 -25.69
C LEU B 64 27.47 -1.46 -24.70
N PRO B 65 28.77 -1.71 -25.01
CA PRO B 65 29.53 -2.73 -24.29
C PRO B 65 29.78 -2.44 -22.82
N ASN B 66 29.84 -1.16 -22.46
CA ASN B 66 30.00 -0.77 -21.05
C ASN B 66 28.73 -0.26 -20.37
N LEU B 67 27.57 -0.61 -20.93
CA LEU B 67 26.30 -0.33 -20.28
C LEU B 67 26.26 -0.90 -18.85
N VAL B 68 25.74 -0.11 -17.91
CA VAL B 68 25.63 -0.50 -16.50
C VAL B 68 24.16 -0.76 -16.17
N TRP B 69 23.31 0.22 -16.43
CA TRP B 69 21.86 0.07 -16.19
C TRP B 69 21.00 0.82 -17.19
N ILE B 70 19.70 0.50 -17.16
CA ILE B 70 18.70 0.92 -18.13
C ILE B 70 17.54 1.55 -17.41
N HIS B 71 17.09 2.71 -17.89
CA HIS B 71 15.89 3.39 -17.40
C HIS B 71 14.81 3.49 -18.49
N SER B 72 13.70 2.79 -18.25
CA SER B 72 12.53 2.90 -19.10
C SER B 72 11.66 4.10 -18.68
N LEU B 73 10.81 4.54 -19.58
CA LEU B 73 9.94 5.68 -19.39
C LEU B 73 8.46 5.32 -19.12
N TRP B 74 8.17 4.01 -19.02
CA TRP B 74 6.84 3.42 -18.88
CA TRP B 74 6.80 3.54 -18.71
C TRP B 74 6.81 2.52 -17.62
N ALA B 75 5.64 2.35 -17.04
CA ALA B 75 5.47 1.45 -15.92
C ALA B 75 5.52 -0.05 -16.33
N GLY B 76 4.95 -0.36 -17.50
CA GLY B 76 4.90 -1.73 -17.99
C GLY B 76 6.24 -2.13 -18.57
N VAL B 77 6.70 -3.35 -18.29
CA VAL B 77 8.05 -3.83 -18.72
C VAL B 77 8.11 -5.24 -19.32
N GLU B 78 6.97 -5.83 -19.68
CA GLU B 78 6.97 -7.22 -20.12
C GLU B 78 7.89 -7.47 -21.35
N ARG B 79 7.86 -6.57 -22.32
CA ARG B 79 8.75 -6.74 -23.50
C ARG B 79 10.22 -6.50 -23.17
N LEU B 80 10.51 -5.59 -22.24
CA LEU B 80 11.92 -5.37 -21.80
C LEU B 80 12.48 -6.62 -21.15
N VAL B 81 11.66 -7.20 -20.25
CA VAL B 81 12.03 -8.44 -19.58
C VAL B 81 12.36 -9.53 -20.60
N ALA B 82 11.45 -9.73 -21.57
CA ALA B 82 11.62 -10.75 -22.58
C ALA B 82 12.82 -10.49 -23.48
N GLU B 83 13.02 -9.26 -23.92
CA GLU B 83 14.04 -8.96 -24.93
C GLU B 83 15.42 -8.60 -24.37
N LEU B 84 15.48 -8.03 -23.16
CA LEU B 84 16.73 -7.52 -22.56
C LEU B 84 17.23 -8.25 -21.32
N GLY B 85 16.42 -9.18 -20.82
CA GLY B 85 16.79 -9.95 -19.64
C GLY B 85 18.12 -10.62 -19.75
N HIS B 86 18.40 -11.13 -20.94
CA HIS B 86 19.67 -11.80 -21.21
C HIS B 86 20.93 -10.94 -21.04
N LEU B 87 20.84 -9.62 -21.17
CA LEU B 87 22.00 -8.72 -20.93
C LEU B 87 22.40 -8.60 -19.49
N ALA B 88 21.50 -9.01 -18.60
CA ALA B 88 21.75 -9.05 -17.18
C ALA B 88 22.21 -7.66 -16.62
N ARG B 89 21.63 -6.58 -17.14
CA ARG B 89 21.77 -5.21 -16.61
C ARG B 89 20.44 -4.81 -15.94
N PRO B 90 20.51 -4.10 -14.79
CA PRO B 90 19.27 -3.69 -14.12
C PRO B 90 18.35 -2.86 -14.99
N ILE B 91 17.07 -3.19 -14.98
CA ILE B 91 16.04 -2.50 -15.76
C ILE B 91 15.18 -1.72 -14.75
N VAL B 92 15.14 -0.40 -14.91
CA VAL B 92 14.38 0.47 -13.99
C VAL B 92 13.15 0.97 -14.73
N ARG B 93 11.97 0.60 -14.26
CA ARG B 93 10.72 1.00 -14.90
C ARG B 93 10.35 2.39 -14.37
N LEU B 94 9.30 3.00 -14.91
CA LEU B 94 8.80 4.24 -14.36
C LEU B 94 7.88 3.98 -13.16
N VAL B 95 8.26 4.54 -12.02
CA VAL B 95 7.43 4.67 -10.82
C VAL B 95 7.36 6.17 -10.52
N ASP B 96 6.14 6.71 -10.54
CA ASP B 96 5.89 8.17 -10.56
C ASP B 96 4.60 8.43 -9.84
N PRO B 97 4.63 9.23 -8.77
CA PRO B 97 3.37 9.57 -8.08
C PRO B 97 2.31 10.18 -8.97
N GLU B 98 2.72 10.95 -9.98
CA GLU B 98 1.77 11.54 -10.91
C GLU B 98 1.08 10.48 -11.79
N LEU B 99 1.82 9.43 -12.18
CA LEU B 99 1.23 8.30 -12.90
C LEU B 99 0.23 7.58 -12.02
N ALA B 100 0.59 7.33 -10.76
CA ALA B 100 -0.34 6.72 -9.80
C ALA B 100 -1.62 7.57 -9.64
N ARG B 101 -1.45 8.86 -9.50
CA ARG B 101 -2.59 9.78 -9.32
C ARG B 101 -3.54 9.73 -10.52
N THR B 102 -2.92 9.77 -11.71
CA THR B 102 -3.66 9.77 -12.95
C THR B 102 -4.44 8.45 -13.16
N MET B 103 -3.80 7.31 -12.90
CA MET B 103 -4.43 6.01 -13.01
C MET B 103 -5.52 5.81 -11.97
N ALA B 104 -5.28 6.24 -10.72
CA ALA B 104 -6.29 6.10 -9.70
C ALA B 104 -7.56 6.91 -10.08
N GLU B 105 -7.33 8.12 -10.60
CA GLU B 105 -8.39 8.94 -11.16
C GLU B 105 -9.13 8.21 -12.28
N ALA B 106 -8.41 7.65 -13.24
CA ALA B 106 -9.01 6.86 -14.32
C ALA B 106 -9.86 5.74 -13.79
N ALA B 107 -9.32 5.01 -12.81
CA ALA B 107 -10.06 3.87 -12.22
C ALA B 107 -11.44 4.31 -11.66
N LEU B 108 -11.42 5.45 -10.97
CA LEU B 108 -12.69 5.94 -10.40
C LEU B 108 -13.59 6.50 -11.53
N ALA B 109 -13.01 7.27 -12.44
CA ALA B 109 -13.77 7.86 -13.53
C ALA B 109 -14.56 6.81 -14.34
N TRP B 110 -13.87 5.74 -14.73
CA TRP B 110 -14.53 4.68 -15.50
C TRP B 110 -15.34 3.69 -14.63
N THR B 111 -15.00 3.54 -13.35
CA THR B 111 -15.92 2.86 -12.45
C THR B 111 -17.25 3.65 -12.39
N TYR B 112 -17.18 4.97 -12.30
CA TYR B 112 -18.42 5.78 -12.35
C TYR B 112 -19.22 5.66 -13.64
N TYR B 113 -18.50 5.63 -14.77
CA TYR B 113 -19.12 5.46 -16.06
C TYR B 113 -20.01 4.23 -16.11
N LEU B 114 -19.47 3.12 -15.61
CA LEU B 114 -20.23 1.87 -15.48
C LEU B 114 -21.31 1.92 -14.41
N PHE B 115 -20.91 2.36 -13.23
CA PHE B 115 -21.78 2.36 -12.04
C PHE B 115 -23.00 3.21 -12.27
N ARG B 116 -22.80 4.42 -12.82
CA ARG B 116 -23.91 5.36 -13.09
C ARG B 116 -24.70 5.05 -14.40
N ASP B 117 -24.50 3.85 -14.98
CA ASP B 117 -25.25 3.37 -16.14
C ASP B 117 -25.09 4.25 -17.38
N MET B 118 -23.91 4.84 -17.57
CA MET B 118 -23.76 5.76 -18.70
C MET B 118 -23.92 5.08 -20.11
N PRO B 119 -23.41 3.85 -20.29
CA PRO B 119 -23.69 3.18 -21.56
C PRO B 119 -25.18 2.91 -21.81
N ALA B 120 -25.91 2.45 -20.81
CA ALA B 120 -27.33 2.16 -21.02
C ALA B 120 -28.10 3.43 -21.34
N TYR B 121 -27.77 4.53 -20.68
CA TYR B 121 -28.42 5.79 -20.97
C TYR B 121 -28.07 6.27 -22.39
N ALA B 122 -26.84 6.04 -22.86
CA ALA B 122 -26.46 6.42 -24.22
C ALA B 122 -27.22 5.60 -25.28
N ALA B 123 -27.42 4.32 -25.00
CA ALA B 123 -28.19 3.45 -25.91
C ALA B 123 -29.64 3.92 -25.95
N GLN B 124 -30.17 4.29 -24.79
CA GLN B 124 -31.55 4.78 -24.72
C GLN B 124 -31.67 6.08 -25.49
N GLN B 125 -30.65 6.93 -25.42
CA GLN B 125 -30.71 8.22 -26.12
C GLN B 125 -30.79 8.02 -27.64
N ARG B 126 -29.96 7.09 -28.13
CA ARG B 126 -29.97 6.78 -29.57
C ARG B 126 -31.34 6.26 -29.98
N ALA B 127 -32.00 5.54 -29.09
CA ALA B 127 -33.32 4.99 -29.37
C ALA B 127 -34.50 5.96 -29.10
N ARG B 128 -34.20 7.17 -28.65
CA ARG B 128 -35.23 8.12 -28.20
C ARG B 128 -36.14 7.52 -27.11
N VAL B 129 -35.53 6.80 -26.18
CA VAL B 129 -36.24 6.19 -25.06
C VAL B 129 -35.92 6.94 -23.78
N TRP B 130 -36.96 7.32 -23.04
CA TRP B 130 -36.81 8.01 -21.74
C TRP B 130 -37.15 7.00 -20.67
N LYS B 131 -36.16 6.57 -19.90
CA LYS B 131 -36.39 5.52 -18.91
C LYS B 131 -35.33 5.56 -17.81
N GLY B 132 -35.75 5.88 -16.59
CA GLY B 132 -34.84 5.89 -15.44
C GLY B 132 -34.54 4.47 -15.04
N LEU B 133 -33.30 4.22 -14.63
CA LEU B 133 -32.87 2.89 -14.18
C LEU B 133 -32.61 2.93 -12.67
N PRO B 134 -32.79 1.77 -11.99
CA PRO B 134 -32.63 1.77 -10.54
C PRO B 134 -31.22 2.05 -10.07
N TYR B 135 -31.11 2.81 -8.98
CA TYR B 135 -29.81 3.15 -8.40
C TYR B 135 -29.58 2.34 -7.14
N LYS B 136 -28.36 1.93 -6.90
CA LYS B 136 -27.96 1.26 -5.65
C LYS B 136 -26.68 1.96 -5.14
N ARG B 137 -26.56 2.13 -3.82
CA ARG B 137 -25.47 2.94 -3.27
C ARG B 137 -24.12 2.28 -3.44
N PRO B 138 -23.03 3.07 -3.49
CA PRO B 138 -21.70 2.48 -3.56
C PRO B 138 -21.36 1.59 -2.37
N GLU B 139 -21.89 1.89 -1.19
CA GLU B 139 -21.59 1.09 -0.01
C GLU B 139 -22.15 -0.31 -0.15
N ARG B 140 -23.13 -0.49 -1.03
CA ARG B 140 -23.71 -1.79 -1.30
C ARG B 140 -23.11 -2.41 -2.56
N THR B 141 -22.08 -1.78 -3.16
CA THR B 141 -21.59 -2.20 -4.45
C THR B 141 -20.13 -2.62 -4.25
N THR B 142 -19.83 -3.89 -4.55
CA THR B 142 -18.48 -4.39 -4.40
C THR B 142 -17.64 -4.14 -5.66
N VAL B 143 -16.52 -3.45 -5.49
CA VAL B 143 -15.60 -3.15 -6.57
C VAL B 143 -14.32 -3.95 -6.23
N GLY B 144 -13.84 -4.74 -7.20
CA GLY B 144 -12.64 -5.54 -7.01
C GLY B 144 -11.52 -4.95 -7.83
N VAL B 145 -10.33 -4.80 -7.24
CA VAL B 145 -9.15 -4.30 -7.96
C VAL B 145 -8.13 -5.46 -8.01
N LEU B 146 -7.72 -5.86 -9.22
CA LEU B 146 -6.69 -6.86 -9.41
C LEU B 146 -5.36 -6.17 -9.63
N GLY B 147 -4.43 -6.41 -8.72
CA GLY B 147 -3.18 -5.67 -8.64
C GLY B 147 -3.28 -4.57 -7.60
N LEU B 148 -2.40 -4.61 -6.61
CA LEU B 148 -2.33 -3.56 -5.58
C LEU B 148 -0.95 -2.92 -5.53
N GLY B 149 -0.44 -2.54 -6.69
CA GLY B 149 0.91 -2.05 -6.82
C GLY B 149 0.88 -0.55 -6.81
N GLU B 150 1.87 0.03 -7.47
CA GLU B 150 1.94 1.52 -7.52
C GLU B 150 0.66 2.13 -8.04
N LEU B 151 0.04 1.48 -9.03
CA LEU B 151 -1.18 2.00 -9.59
C LEU B 151 -2.43 1.41 -8.93
N GLY B 152 -2.44 0.10 -8.76
CA GLY B 152 -3.58 -0.58 -8.15
C GLY B 152 -3.92 -0.15 -6.72
N ALA B 153 -2.92 0.00 -5.88
CA ALA B 153 -3.24 0.45 -4.52
C ALA B 153 -3.78 1.88 -4.49
N ALA B 154 -3.20 2.74 -5.35
CA ALA B 154 -3.71 4.09 -5.49
C ALA B 154 -5.15 4.09 -5.96
N ALA B 155 -5.48 3.26 -6.94
CA ALA B 155 -6.86 3.12 -7.40
C ALA B 155 -7.80 2.64 -6.28
N ALA B 156 -7.38 1.65 -5.49
CA ALA B 156 -8.23 1.16 -4.38
C ALA B 156 -8.53 2.27 -3.39
N LEU B 157 -7.56 3.16 -3.10
CA LEU B 157 -7.80 4.30 -2.18
C LEU B 157 -8.83 5.30 -2.72
N ARG B 158 -8.77 5.67 -3.99
CA ARG B 158 -9.79 6.56 -4.60
C ARG B 158 -11.20 5.92 -4.62
N LEU B 159 -11.26 4.65 -4.97
CA LEU B 159 -12.52 3.92 -4.97
C LEU B 159 -13.09 3.78 -3.56
N ARG B 160 -12.23 3.47 -2.59
CA ARG B 160 -12.63 3.51 -1.16
C ARG B 160 -13.26 4.85 -0.75
N ASP B 161 -12.58 5.94 -1.11
CA ASP B 161 -13.04 7.26 -0.69
C ASP B 161 -14.33 7.67 -1.38
N ALA B 162 -14.60 7.12 -2.55
CA ALA B 162 -15.91 7.27 -3.18
C ALA B 162 -17.04 6.46 -2.54
N GLY B 163 -16.70 5.61 -1.58
CA GLY B 163 -17.70 4.89 -0.76
C GLY B 163 -17.99 3.47 -1.19
N PHE B 164 -17.26 2.98 -2.19
CA PHE B 164 -17.46 1.60 -2.66
C PHE B 164 -16.94 0.58 -1.64
N ASP B 165 -17.52 -0.63 -1.67
CA ASP B 165 -17.02 -1.74 -0.86
C ASP B 165 -15.87 -2.40 -1.66
N VAL B 166 -14.65 -1.98 -1.33
CA VAL B 166 -13.49 -2.29 -2.17
C VAL B 166 -12.77 -3.51 -1.65
N HIS B 167 -12.51 -4.43 -2.57
CA HIS B 167 -11.71 -5.61 -2.32
C HIS B 167 -10.54 -5.60 -3.30
N GLY B 168 -9.35 -5.89 -2.81
CA GLY B 168 -8.18 -5.89 -3.66
C GLY B 168 -7.55 -7.26 -3.65
N TRP B 169 -6.82 -7.57 -4.72
CA TRP B 169 -6.18 -8.86 -4.86
C TRP B 169 -4.74 -8.66 -5.36
N SER B 170 -3.80 -9.34 -4.72
CA SER B 170 -2.41 -9.30 -5.14
C SER B 170 -1.72 -10.62 -4.82
N ARG B 171 -0.45 -10.74 -5.17
CA ARG B 171 0.27 -12.01 -5.05
C ARG B 171 0.65 -12.26 -3.62
N SER B 172 1.13 -11.22 -2.94
CA SER B 172 1.52 -11.30 -1.57
C SER B 172 0.63 -10.38 -0.72
N PRO B 173 0.55 -10.66 0.57
CA PRO B 173 -0.45 -9.94 1.38
C PRO B 173 -0.13 -8.45 1.53
N LYS B 174 -1.18 -7.63 1.51
CA LYS B 174 -1.15 -6.20 1.74
C LYS B 174 -2.06 -5.81 2.92
N GLU B 175 -1.80 -4.61 3.48
CA GLU B 175 -2.73 -3.95 4.39
C GLU B 175 -2.98 -2.58 3.83
N ILE B 176 -4.22 -2.32 3.46
CA ILE B 176 -4.66 -1.05 2.92
C ILE B 176 -5.87 -0.55 3.75
N ALA B 177 -5.71 0.61 4.36
CA ALA B 177 -6.77 1.13 5.24
C ALA B 177 -8.10 1.19 4.50
N GLY B 178 -9.16 0.65 5.12
CA GLY B 178 -10.48 0.68 4.55
C GLY B 178 -10.74 -0.21 3.33
N VAL B 179 -9.82 -1.10 3.00
CA VAL B 179 -9.93 -2.00 1.82
C VAL B 179 -9.73 -3.41 2.31
N THR B 180 -10.55 -4.34 1.80
CA THR B 180 -10.39 -5.76 2.16
C THR B 180 -9.40 -6.37 1.15
N CYS B 181 -8.26 -6.82 1.63
CA CYS B 181 -7.20 -7.30 0.77
C CYS B 181 -7.18 -8.82 0.79
N HIS B 182 -7.00 -9.43 -0.37
CA HIS B 182 -6.88 -10.87 -0.56
C HIS B 182 -5.57 -11.17 -1.27
N ALA B 183 -4.97 -12.32 -0.99
CA ALA B 183 -3.71 -12.70 -1.64
C ALA B 183 -3.70 -14.15 -2.10
N GLY B 184 -3.01 -14.36 -3.23
CA GLY B 184 -2.71 -15.68 -3.75
C GLY B 184 -3.78 -16.19 -4.71
N GLU B 185 -3.34 -17.09 -5.57
CA GLU B 185 -4.20 -17.75 -6.52
C GLU B 185 -5.41 -18.37 -5.80
N GLU B 186 -5.17 -18.96 -4.64
CA GLU B 186 -6.16 -19.66 -3.85
C GLU B 186 -7.41 -18.85 -3.48
N THR B 187 -7.32 -17.50 -3.44
CA THR B 187 -8.48 -16.66 -3.06
C THR B 187 -9.19 -15.92 -4.20
N LEU B 188 -8.65 -15.99 -5.42
CA LEU B 188 -9.15 -15.21 -6.54
C LEU B 188 -10.63 -15.51 -6.89
N GLU B 189 -10.93 -16.79 -7.15
CA GLU B 189 -12.28 -17.17 -7.58
C GLU B 189 -13.33 -16.83 -6.51
N ARG B 190 -12.99 -16.98 -5.23
CA ARG B 190 -13.89 -16.60 -4.13
C ARG B 190 -14.15 -15.11 -4.17
N MET B 191 -13.07 -14.33 -4.32
CA MET B 191 -13.18 -12.86 -4.42
CA MET B 191 -13.24 -12.90 -4.40
C MET B 191 -14.10 -12.45 -5.57
N LEU B 192 -13.89 -13.04 -6.73
CA LEU B 192 -14.63 -12.67 -7.94
C LEU B 192 -16.12 -12.91 -7.80
N GLY B 193 -16.48 -13.97 -7.06
CA GLY B 193 -17.85 -14.28 -6.76
C GLY B 193 -18.66 -13.14 -6.20
N GLN B 194 -17.97 -12.21 -5.54
CA GLN B 194 -18.61 -11.07 -4.91
C GLN B 194 -18.58 -9.77 -5.70
N VAL B 195 -17.84 -9.70 -6.80
CA VAL B 195 -17.44 -8.42 -7.41
C VAL B 195 -18.43 -7.96 -8.47
N GLU B 196 -19.01 -6.76 -8.30
CA GLU B 196 -19.91 -6.19 -9.28
C GLU B 196 -19.22 -5.36 -10.36
N ILE B 197 -18.12 -4.71 -10.02
CA ILE B 197 -17.30 -4.01 -11.00
C ILE B 197 -15.85 -4.40 -10.75
N LEU B 198 -15.18 -4.91 -11.81
CA LEU B 198 -13.83 -5.48 -11.66
C LEU B 198 -12.84 -4.59 -12.44
N VAL B 199 -11.81 -4.10 -11.76
CA VAL B 199 -10.80 -3.27 -12.38
C VAL B 199 -9.48 -4.01 -12.39
N CYS B 200 -8.87 -4.14 -13.57
CA CYS B 200 -7.67 -4.87 -13.69
C CYS B 200 -6.49 -3.92 -13.87
N LEU B 201 -5.54 -4.04 -12.94
CA LEU B 201 -4.24 -3.27 -12.93
C LEU B 201 -3.05 -4.19 -12.59
N LEU B 202 -3.08 -5.36 -13.20
CA LEU B 202 -1.99 -6.32 -13.12
C LEU B 202 -0.94 -6.08 -14.20
N PRO B 203 0.33 -6.48 -13.93
CA PRO B 203 1.30 -6.58 -15.00
C PRO B 203 1.11 -7.87 -15.80
N LEU B 204 1.53 -7.89 -17.05
CA LEU B 204 1.48 -9.11 -17.88
C LEU B 204 2.72 -9.95 -17.61
N THR B 205 2.50 -11.16 -17.12
CA THR B 205 3.55 -12.15 -16.94
C THR B 205 3.04 -13.50 -17.37
N GLY B 206 3.90 -14.51 -17.29
CA GLY B 206 3.48 -15.91 -17.50
C GLY B 206 2.38 -16.37 -16.57
N GLU B 207 2.29 -15.76 -15.38
CA GLU B 207 1.32 -16.14 -14.38
C GLU B 207 0.00 -15.38 -14.57
N THR B 208 0.04 -14.16 -15.12
CA THR B 208 -1.21 -13.40 -15.32
C THR B 208 -1.84 -13.53 -16.70
N ARG B 209 -1.07 -13.98 -17.70
CA ARG B 209 -1.62 -14.17 -19.03
C ARG B 209 -2.78 -15.15 -18.96
N GLY B 210 -3.93 -14.75 -19.49
CA GLY B 210 -5.14 -15.61 -19.47
C GLY B 210 -5.78 -15.81 -18.11
N LEU B 211 -5.47 -14.93 -17.16
CA LEU B 211 -6.05 -15.09 -15.83
C LEU B 211 -7.58 -15.04 -15.88
N LEU B 212 -8.09 -14.07 -16.62
CA LEU B 212 -9.51 -13.87 -16.73
C LEU B 212 -9.99 -14.63 -17.97
N ASP B 213 -10.06 -15.94 -17.79
CA ASP B 213 -10.51 -16.88 -18.81
C ASP B 213 -12.00 -17.19 -18.58
N ALA B 214 -12.54 -18.13 -19.35
CA ALA B 214 -13.96 -18.44 -19.22
C ALA B 214 -14.32 -18.83 -17.80
N ARG B 215 -13.49 -19.65 -17.17
CA ARG B 215 -13.74 -20.12 -15.83
C ARG B 215 -13.78 -18.96 -14.84
N ARG B 216 -12.77 -18.08 -14.89
CA ARG B 216 -12.73 -16.98 -13.94
C ARG B 216 -13.84 -15.97 -14.20
N LEU B 217 -14.14 -15.67 -15.47
CA LEU B 217 -15.25 -14.80 -15.81
C LEU B 217 -16.60 -15.35 -15.33
N ALA B 218 -16.76 -16.68 -15.40
CA ALA B 218 -17.96 -17.33 -14.90
C ALA B 218 -18.13 -17.24 -13.39
N CYS B 219 -17.06 -16.92 -12.66
CA CYS B 219 -17.14 -16.68 -11.21
C CYS B 219 -17.86 -15.37 -10.87
N LEU B 220 -17.85 -14.39 -11.77
CA LEU B 220 -18.48 -13.12 -11.49
C LEU B 220 -20.00 -13.28 -11.40
N PRO B 221 -20.65 -12.49 -10.54
CA PRO B 221 -22.10 -12.51 -10.52
C PRO B 221 -22.72 -11.96 -11.83
N GLU B 222 -23.96 -12.37 -12.08
CA GLU B 222 -24.68 -11.93 -13.25
C GLU B 222 -24.76 -10.41 -13.30
N GLY B 223 -24.44 -9.87 -14.47
CA GLY B 223 -24.44 -8.45 -14.72
C GLY B 223 -23.18 -7.71 -14.26
N ALA B 224 -22.17 -8.41 -13.76
CA ALA B 224 -20.89 -7.78 -13.40
C ALA B 224 -20.32 -7.04 -14.59
N GLN B 225 -19.51 -6.02 -14.33
CA GLN B 225 -18.91 -5.21 -15.38
C GLN B 225 -17.40 -5.09 -15.15
N ILE B 226 -16.64 -4.95 -16.22
CA ILE B 226 -15.17 -5.05 -16.15
CA ILE B 226 -15.16 -5.06 -16.23
C ILE B 226 -14.48 -3.84 -16.79
N VAL B 227 -13.35 -3.45 -16.19
CA VAL B 227 -12.51 -2.35 -16.69
C VAL B 227 -11.10 -2.97 -16.82
N ASN B 228 -10.58 -3.05 -18.06
CA ASN B 228 -9.21 -3.50 -18.25
C ASN B 228 -8.26 -2.36 -18.64
N PHE B 229 -7.48 -1.94 -17.65
CA PHE B 229 -6.44 -0.93 -17.81
C PHE B 229 -5.03 -1.56 -17.70
N ALA B 230 -4.93 -2.89 -17.80
CA ALA B 230 -3.66 -3.61 -17.53
C ALA B 230 -2.95 -3.94 -18.87
N ARG B 231 -3.17 -5.15 -19.40
CA ARG B 231 -2.73 -5.54 -20.71
C ARG B 231 -3.80 -6.47 -21.30
N GLY B 232 -3.95 -6.44 -22.63
CA GLY B 232 -5.00 -7.21 -23.30
C GLY B 232 -4.99 -8.71 -22.95
N PRO B 233 -3.82 -9.37 -23.04
CA PRO B 233 -3.72 -10.86 -22.88
C PRO B 233 -4.13 -11.40 -21.48
N ILE B 234 -4.28 -10.51 -20.49
CA ILE B 234 -4.78 -10.92 -19.19
C ILE B 234 -6.25 -11.41 -19.26
N LEU B 235 -6.99 -10.87 -20.20
CA LEU B 235 -8.41 -11.13 -20.35
C LEU B 235 -8.64 -11.85 -21.68
N ASP B 236 -9.17 -13.06 -21.62
CA ASP B 236 -9.47 -13.87 -22.83
C ASP B 236 -10.62 -13.23 -23.65
N SER B 237 -10.28 -12.71 -24.84
CA SER B 237 -11.20 -11.94 -25.65
CA SER B 237 -11.19 -11.94 -25.68
C SER B 237 -12.43 -12.74 -26.08
N ALA B 238 -12.22 -13.98 -26.49
CA ALA B 238 -13.32 -14.85 -26.92
C ALA B 238 -14.28 -15.14 -25.80
N ALA B 239 -13.73 -15.47 -24.64
CA ALA B 239 -14.54 -15.71 -23.44
C ALA B 239 -15.31 -14.46 -22.99
N LEU B 240 -14.68 -13.29 -23.10
CA LEU B 240 -15.36 -12.04 -22.78
C LEU B 240 -16.55 -11.79 -23.70
N ILE B 241 -16.38 -11.99 -25.00
CA ILE B 241 -17.49 -11.79 -25.94
C ILE B 241 -18.64 -12.77 -25.65
N GLU B 242 -18.32 -14.03 -25.38
CA GLU B 242 -19.35 -15.02 -25.04
C GLU B 242 -20.12 -14.61 -23.79
N ALA B 243 -19.40 -14.09 -22.78
CA ALA B 243 -20.03 -13.65 -21.56
C ALA B 243 -20.88 -12.40 -21.73
N LEU B 244 -20.44 -11.47 -22.57
CA LEU B 244 -21.27 -10.31 -22.93
C LEU B 244 -22.54 -10.74 -23.67
N ASP B 245 -22.38 -11.63 -24.64
CA ASP B 245 -23.51 -12.03 -25.47
C ASP B 245 -24.53 -12.90 -24.70
N SER B 246 -24.08 -13.64 -23.69
CA SER B 246 -24.96 -14.48 -22.87
C SER B 246 -25.67 -13.64 -21.80
N GLY B 247 -25.25 -12.38 -21.63
CA GLY B 247 -25.84 -11.48 -20.64
C GLY B 247 -25.27 -11.65 -19.24
N ARG B 248 -24.21 -12.43 -19.11
CA ARG B 248 -23.62 -12.69 -17.81
CA ARG B 248 -23.63 -12.69 -17.81
C ARG B 248 -22.71 -11.54 -17.37
N ILE B 249 -22.05 -10.91 -18.33
CA ILE B 249 -21.24 -9.67 -18.06
C ILE B 249 -21.98 -8.51 -18.73
N GLY B 250 -22.22 -7.43 -17.97
CA GLY B 250 -23.03 -6.33 -18.48
C GLY B 250 -22.34 -5.43 -19.49
N HIS B 251 -21.05 -5.17 -19.28
CA HIS B 251 -20.31 -4.18 -20.07
C HIS B 251 -18.83 -4.29 -19.79
N ALA B 252 -18.01 -3.91 -20.77
CA ALA B 252 -16.55 -3.90 -20.60
C ALA B 252 -15.96 -2.60 -21.15
N VAL B 253 -15.11 -1.94 -20.33
CA VAL B 253 -14.29 -0.80 -20.71
C VAL B 253 -12.88 -1.36 -20.93
N LEU B 254 -12.39 -1.28 -22.15
CA LEU B 254 -11.10 -1.88 -22.54
C LEU B 254 -10.21 -0.77 -23.06
N ASP B 255 -9.09 -0.55 -22.39
CA ASP B 255 -8.09 0.45 -22.76
C ASP B 255 -6.84 -0.20 -23.40
N VAL B 256 -6.76 -1.53 -23.37
CA VAL B 256 -5.55 -2.24 -23.73
C VAL B 256 -5.95 -3.51 -24.51
N PHE B 257 -5.14 -3.90 -25.49
CA PHE B 257 -5.50 -4.96 -26.42
C PHE B 257 -4.24 -5.71 -26.90
N GLU B 258 -4.42 -6.93 -27.41
CA GLU B 258 -3.28 -7.74 -27.90
C GLU B 258 -2.52 -7.00 -28.99
N VAL B 259 -3.24 -6.30 -29.85
CA VAL B 259 -2.70 -5.54 -30.96
C VAL B 259 -3.21 -4.12 -30.82
N GLU B 260 -2.29 -3.15 -30.77
CA GLU B 260 -2.58 -1.72 -30.72
C GLU B 260 -1.80 -0.97 -31.81
N PRO B 261 -2.42 -0.11 -32.62
CA PRO B 261 -3.85 0.24 -32.56
C PRO B 261 -4.76 -0.94 -32.86
N LEU B 262 -5.92 -0.98 -32.20
CA LEU B 262 -6.84 -2.07 -32.36
C LEU B 262 -7.21 -2.18 -33.83
N PRO B 263 -7.00 -3.38 -34.46
CA PRO B 263 -7.37 -3.49 -35.87
C PRO B 263 -8.87 -3.19 -36.09
N GLU B 264 -9.16 -2.57 -37.22
CA GLU B 264 -10.52 -2.21 -37.61
CA GLU B 264 -10.51 -2.19 -37.54
C GLU B 264 -11.49 -3.40 -37.59
N ALA B 265 -10.98 -4.60 -37.94
CA ALA B 265 -11.84 -5.81 -37.92
C ALA B 265 -12.19 -6.36 -36.53
N SER B 266 -11.59 -5.85 -35.46
CA SER B 266 -11.92 -6.33 -34.12
C SER B 266 -13.41 -6.21 -33.88
N PRO B 267 -14.02 -7.26 -33.33
CA PRO B 267 -15.43 -7.11 -32.93
C PRO B 267 -15.64 -6.10 -31.82
N PHE B 268 -14.58 -5.68 -31.11
CA PHE B 268 -14.78 -4.77 -29.95
C PHE B 268 -15.27 -3.36 -30.36
N TRP B 269 -14.89 -2.89 -31.53
CA TRP B 269 -15.24 -1.53 -31.94
C TRP B 269 -16.73 -1.36 -32.02
N GLY B 270 -17.39 -2.34 -32.64
CA GLY B 270 -18.83 -2.29 -32.83
C GLY B 270 -19.70 -3.00 -31.83
N HIS B 271 -19.11 -3.65 -30.82
CA HIS B 271 -19.96 -4.42 -29.86
C HIS B 271 -20.74 -3.42 -29.01
N PRO B 272 -22.07 -3.60 -28.89
CA PRO B 272 -22.86 -2.63 -28.06
C PRO B 272 -22.50 -2.58 -26.57
N LYS B 273 -21.78 -3.58 -26.06
CA LYS B 273 -21.51 -3.70 -24.63
C LYS B 273 -20.02 -3.48 -24.36
N VAL B 274 -19.30 -2.96 -25.35
CA VAL B 274 -17.90 -2.61 -25.20
C VAL B 274 -17.60 -1.13 -25.44
N THR B 275 -16.83 -0.55 -24.52
CA THR B 275 -16.26 0.80 -24.66
C THR B 275 -14.75 0.70 -24.89
N VAL B 276 -14.30 1.16 -26.05
CA VAL B 276 -12.91 1.10 -26.48
C VAL B 276 -12.23 2.44 -26.21
N LEU B 277 -11.09 2.40 -25.51
CA LEU B 277 -10.27 3.57 -25.19
C LEU B 277 -8.88 3.26 -25.74
N PRO B 278 -8.21 4.26 -26.34
CA PRO B 278 -6.93 3.95 -27.03
C PRO B 278 -5.70 4.04 -26.14
N HIS B 279 -5.67 3.26 -25.07
CA HIS B 279 -4.51 3.16 -24.17
C HIS B 279 -4.18 4.53 -23.62
N ILE B 280 -5.17 5.12 -22.97
CA ILE B 280 -5.08 6.48 -22.46
C ILE B 280 -5.46 6.61 -20.99
N SER B 281 -5.71 5.51 -20.28
CA SER B 281 -6.17 5.62 -18.91
C SER B 281 -5.17 6.41 -18.07
N ALA B 282 -3.87 6.13 -18.25
CA ALA B 282 -2.76 6.82 -17.56
C ALA B 282 -1.55 6.99 -18.46
N ALA B 283 -1.57 8.03 -19.26
CA ALA B 283 -0.44 8.35 -20.15
C ALA B 283 0.72 8.88 -19.30
N THR B 284 1.95 8.49 -19.65
CA THR B 284 3.15 9.03 -18.96
C THR B 284 3.20 10.54 -19.18
N ASP B 285 3.48 11.27 -18.11
CA ASP B 285 3.68 12.71 -18.17
C ASP B 285 5.20 12.93 -18.40
N PRO B 286 5.60 13.43 -19.58
CA PRO B 286 7.06 13.60 -19.85
C PRO B 286 7.79 14.54 -18.90
N GLU B 287 7.11 15.54 -18.38
CA GLU B 287 7.70 16.43 -17.39
C GLU B 287 8.05 15.75 -16.08
N THR B 288 7.07 15.11 -15.46
CA THR B 288 7.30 14.48 -14.16
C THR B 288 8.22 13.25 -14.34
N ALA B 289 8.00 12.47 -15.41
CA ALA B 289 8.85 11.30 -15.64
C ALA B 289 10.29 11.70 -15.87
N SER B 290 10.51 12.76 -16.65
CA SER B 290 11.90 13.25 -16.88
C SER B 290 12.60 13.68 -15.59
N ALA B 291 11.86 14.34 -14.70
CA ALA B 291 12.42 14.76 -13.39
C ALA B 291 12.78 13.55 -12.53
N ILE B 292 11.98 12.50 -12.61
CA ILE B 292 12.30 11.27 -11.90
C ILE B 292 13.58 10.57 -12.46
N VAL B 293 13.65 10.44 -13.78
CA VAL B 293 14.85 9.91 -14.41
C VAL B 293 16.04 10.77 -13.99
N GLY B 294 15.84 12.09 -14.04
CA GLY B 294 16.88 13.04 -13.65
C GLY B 294 17.42 12.85 -12.24
N ALA B 295 16.53 12.70 -11.28
CA ALA B 295 16.93 12.44 -9.90
C ALA B 295 17.68 11.09 -9.74
N HIS B 296 17.21 10.08 -10.44
CA HIS B 296 17.85 8.75 -10.41
C HIS B 296 19.24 8.79 -10.96
N VAL B 297 19.43 9.48 -12.09
CA VAL B 297 20.74 9.61 -12.69
C VAL B 297 21.65 10.42 -11.77
N ALA B 298 21.15 11.53 -11.24
CA ALA B 298 21.96 12.34 -10.31
C ALA B 298 22.41 11.55 -9.09
N ASP B 299 21.50 10.76 -8.53
CA ASP B 299 21.86 9.96 -7.35
C ASP B 299 22.93 8.91 -7.72
N TYR B 300 22.81 8.31 -8.89
CA TYR B 300 23.79 7.37 -9.39
C TYR B 300 25.17 8.06 -9.55
N ARG B 301 25.21 9.24 -10.17
CA ARG B 301 26.46 9.98 -10.35
C ARG B 301 27.11 10.36 -9.01
N ALA B 302 26.29 10.69 -8.02
CA ALA B 302 26.77 11.09 -6.71
C ALA B 302 27.25 9.93 -5.83
N THR B 303 26.50 8.82 -5.81
CA THR B 303 26.72 7.76 -4.82
C THR B 303 26.92 6.35 -5.37
N GLY B 304 26.67 6.14 -6.65
CA GLY B 304 26.66 4.83 -7.24
C GLY B 304 25.33 4.09 -7.11
N ARG B 305 24.33 4.68 -6.47
CA ARG B 305 23.02 4.04 -6.26
C ARG B 305 22.29 3.82 -7.59
N ILE B 306 21.94 2.58 -7.87
CA ILE B 306 21.08 2.22 -8.98
C ILE B 306 19.67 2.05 -8.40
N PRO B 307 18.65 2.64 -9.01
CA PRO B 307 17.29 2.53 -8.45
C PRO B 307 16.75 1.10 -8.44
N PRO B 308 15.66 0.83 -7.66
CA PRO B 308 15.03 -0.49 -7.68
C PRO B 308 14.74 -0.95 -9.10
N SER B 309 15.03 -2.20 -9.39
CA SER B 309 14.92 -2.73 -10.73
C SER B 309 14.06 -3.97 -10.74
N VAL B 310 13.70 -4.37 -11.96
CA VAL B 310 12.80 -5.46 -12.18
C VAL B 310 13.48 -6.79 -11.85
N ASP B 311 12.77 -7.62 -11.10
CA ASP B 311 13.22 -8.96 -10.80
C ASP B 311 12.79 -9.80 -11.99
N LEU B 312 13.76 -10.27 -12.77
CA LEU B 312 13.45 -11.04 -13.97
C LEU B 312 12.72 -12.33 -13.71
N THR B 313 12.98 -12.96 -12.57
CA THR B 313 12.38 -14.28 -12.31
C THR B 313 10.88 -14.14 -11.96
N ARG B 314 10.57 -13.07 -11.23
CA ARG B 314 9.20 -12.63 -10.96
C ARG B 314 8.48 -12.17 -12.24
N GLY B 315 9.22 -11.43 -13.07
CA GLY B 315 8.73 -10.96 -14.35
C GLY B 315 8.12 -9.56 -14.35
N TYR B 316 8.16 -8.85 -13.22
CA TYR B 316 7.61 -7.52 -13.15
C TYR B 316 8.27 -6.78 -12.02
#